data_3NAU
#
_entry.id   3NAU
#
_cell.length_a   96.710
_cell.length_b   60.670
_cell.length_c   27.710
_cell.angle_alpha   90.00
_cell.angle_beta   95.34
_cell.angle_gamma   90.00
#
_symmetry.space_group_name_H-M   'C 1 2 1'
#
loop_
_entity.id
_entity.type
_entity.pdbx_description
1 polymer 'Zinc fingers and homeoboxes protein 2'
2 non-polymer 'SULFATE ION'
3 water water
#
_entity_poly.entity_id   1
_entity_poly.type   'polypeptide(L)'
_entity_poly.pdbx_seq_one_letter_code
;MAHHHHHHRKKTKEQIAHLKASFLQSQFPDDAEVYRLIEVTGLARSEIKKWFSDHRYRCQRGIVHI
;
_entity_poly.pdbx_strand_id   A,B
#
loop_
_chem_comp.id
_chem_comp.type
_chem_comp.name
_chem_comp.formula
SO4 non-polymer 'SULFATE ION' 'O4 S -2'
#
# COMPACT_ATOMS: atom_id res chain seq x y z
N LYS A 11 -2.26 7.20 20.31
CA LYS A 11 -3.05 6.15 19.59
C LYS A 11 -2.78 4.76 20.16
N THR A 12 -3.85 3.99 20.35
CA THR A 12 -3.75 2.66 20.93
C THR A 12 -3.21 1.69 19.88
N LYS A 13 -2.64 0.58 20.34
CA LYS A 13 -2.13 -0.45 19.43
C LYS A 13 -3.23 -0.95 18.49
N GLU A 14 -4.44 -1.05 19.02
CA GLU A 14 -5.60 -1.53 18.27
C GLU A 14 -5.87 -0.68 17.04
N GLN A 15 -6.11 0.62 17.25
CA GLN A 15 -6.41 1.52 16.13
C GLN A 15 -5.24 1.64 15.16
N ILE A 16 -4.00 1.52 15.66
CA ILE A 16 -2.83 1.43 14.78
C ILE A 16 -2.84 0.14 13.94
N ALA A 17 -3.30 -0.96 14.51
CA ALA A 17 -3.46 -2.21 13.76
C ALA A 17 -4.44 -2.04 12.60
N HIS A 18 -5.55 -1.34 12.83
CA HIS A 18 -6.55 -1.09 11.80
C HIS A 18 -6.03 -0.23 10.66
N LEU A 19 -5.21 0.76 11.00
CA LEU A 19 -4.66 1.66 9.99
C LEU A 19 -3.68 0.91 9.07
N LYS A 20 -2.80 0.08 9.65
CA LYS A 20 -1.82 -0.67 8.87
C LYS A 20 -2.50 -1.67 7.95
N ALA A 21 -3.40 -2.47 8.53
CA ALA A 21 -4.23 -3.40 7.76
C ALA A 21 -4.77 -2.72 6.51
N SER A 22 -5.46 -1.61 6.71
CA SER A 22 -6.04 -0.82 5.60
C SER A 22 -4.98 -0.28 4.61
N PHE A 23 -3.90 0.29 5.15
CA PHE A 23 -2.79 0.80 4.35
C PHE A 23 -2.13 -0.27 3.49
N LEU A 24 -1.94 -1.46 4.06
CA LEU A 24 -1.21 -2.54 3.38
C LEU A 24 -2.03 -3.41 2.42
N GLN A 25 -3.36 -3.25 2.41
CA GLN A 25 -4.24 -4.11 1.60
C GLN A 25 -3.66 -4.43 0.22
N SER A 26 -3.45 -3.39 -0.58
CA SER A 26 -3.09 -3.57 -1.98
C SER A 26 -1.62 -3.96 -2.23
N GLN A 27 -0.85 -4.19 -1.16
CA GLN A 27 0.50 -4.74 -1.28
C GLN A 27 0.46 -6.27 -1.31
N PHE A 28 -0.72 -6.85 -1.08
CA PHE A 28 -0.93 -8.28 -1.20
C PHE A 28 -2.08 -8.52 -2.18
N PRO A 29 -1.83 -8.32 -3.48
CA PRO A 29 -2.88 -8.54 -4.48
C PRO A 29 -3.40 -9.97 -4.54
N ASP A 30 -4.73 -10.14 -4.56
CA ASP A 30 -5.32 -11.45 -4.81
C ASP A 30 -5.09 -11.84 -6.26
N ASP A 31 -5.30 -13.11 -6.59
CA ASP A 31 -4.85 -13.58 -7.92
C ASP A 31 -5.73 -13.08 -9.09
N ALA A 32 -6.87 -12.45 -8.80
CA ALA A 32 -7.60 -11.70 -9.83
C ALA A 32 -6.85 -10.44 -10.19
N GLU A 33 -6.27 -9.80 -9.19
CA GLU A 33 -5.45 -8.61 -9.39
C GLU A 33 -4.13 -8.96 -10.08
N VAL A 34 -3.54 -10.09 -9.72
CA VAL A 34 -2.30 -10.53 -10.35
C VAL A 34 -2.53 -10.87 -11.83
N TYR A 35 -3.68 -11.48 -12.11
CA TYR A 35 -4.10 -11.78 -13.49
C TYR A 35 -4.26 -10.48 -14.28
N ARG A 36 -4.97 -9.52 -13.67
CA ARG A 36 -5.18 -8.20 -14.26
C ARG A 36 -3.84 -7.54 -14.60
N LEU A 37 -2.87 -7.71 -13.70
CA LEU A 37 -1.52 -7.17 -13.92
C LEU A 37 -0.81 -7.88 -15.07
N ILE A 38 -0.87 -9.20 -15.10
CA ILE A 38 -0.30 -9.97 -16.21
C ILE A 38 -0.78 -9.43 -17.55
N GLU A 39 -2.09 -9.23 -17.69
CA GLU A 39 -2.63 -8.84 -18.99
C GLU A 39 -2.31 -7.38 -19.39
N VAL A 40 -2.05 -6.51 -18.42
CA VAL A 40 -1.66 -5.13 -18.72
C VAL A 40 -0.14 -4.94 -18.79
N THR A 41 0.62 -5.80 -18.12
CA THR A 41 2.09 -5.71 -18.13
C THR A 41 2.78 -6.76 -19.01
N GLY A 42 2.19 -7.95 -19.10
CA GLY A 42 2.83 -9.05 -19.80
C GLY A 42 3.96 -9.69 -19.01
N LEU A 43 4.06 -9.34 -17.73
CA LEU A 43 5.05 -9.92 -16.83
C LEU A 43 4.55 -11.27 -16.33
N ALA A 44 5.49 -12.19 -16.09
CA ALA A 44 5.17 -13.46 -15.44
C ALA A 44 4.61 -13.26 -14.03
N ARG A 45 3.83 -14.25 -13.57
CA ARG A 45 3.26 -14.22 -12.22
C ARG A 45 4.37 -14.06 -11.18
N SER A 46 5.40 -14.90 -11.29
CA SER A 46 6.52 -14.86 -10.35
C SER A 46 7.31 -13.57 -10.46
N GLU A 47 7.34 -12.99 -11.67
CA GLU A 47 7.97 -11.69 -11.90
C GLU A 47 7.24 -10.63 -11.06
N ILE A 48 5.92 -10.63 -11.18
CA ILE A 48 5.05 -9.72 -10.43
C ILE A 48 5.20 -9.93 -8.91
N LYS A 49 5.13 -11.17 -8.47
CA LYS A 49 5.29 -11.52 -7.05
C LYS A 49 6.61 -11.01 -6.44
N LYS A 50 7.72 -11.29 -7.11
CA LYS A 50 9.03 -10.82 -6.65
C LYS A 50 9.05 -9.29 -6.49
N TRP A 51 8.45 -8.58 -7.45
CA TRP A 51 8.38 -7.11 -7.41
C TRP A 51 7.64 -6.64 -6.16
N PHE A 52 6.47 -7.20 -5.91
CA PHE A 52 5.65 -6.81 -4.76
C PHE A 52 6.37 -7.06 -3.44
N SER A 53 6.81 -8.29 -3.24
CA SER A 53 7.61 -8.66 -2.06
C SER A 53 8.76 -7.70 -1.77
N ASP A 54 9.48 -7.34 -2.84
CA ASP A 54 10.62 -6.45 -2.73
C ASP A 54 10.19 -5.06 -2.28
N HIS A 55 9.07 -4.58 -2.83
CA HIS A 55 8.60 -3.23 -2.54
C HIS A 55 7.96 -3.14 -1.17
N ARG A 56 7.33 -4.23 -0.73
CA ARG A 56 6.84 -4.34 0.66
C ARG A 56 8.01 -4.19 1.63
N TYR A 57 9.05 -4.96 1.38
CA TYR A 57 10.27 -4.92 2.19
C TYR A 57 10.83 -3.50 2.31
N ARG A 58 10.90 -2.80 1.19
CA ARG A 58 11.42 -1.43 1.16
C ARG A 58 10.46 -0.44 1.81
N CYS A 59 9.17 -0.60 1.53
CA CYS A 59 8.15 0.24 2.14
C CYS A 59 8.19 0.16 3.67
N GLN A 60 8.23 -1.07 4.20
CA GLN A 60 8.24 -1.30 5.65
C GLN A 60 9.53 -0.83 6.31
N ARG A 61 10.66 -1.02 5.64
CA ARG A 61 11.93 -0.51 6.14
C ARG A 61 11.93 1.02 6.17
N GLY A 62 11.20 1.64 5.25
CA GLY A 62 10.97 3.07 5.29
C GLY A 62 10.19 3.47 6.54
N ILE A 63 9.08 2.78 6.77
CA ILE A 63 8.20 3.04 7.91
C ILE A 63 8.89 2.81 9.26
N VAL A 64 9.68 1.75 9.36
CA VAL A 64 10.34 1.39 10.64
C VAL A 64 11.49 2.35 10.97
N HIS A 65 12.26 2.72 9.96
CA HIS A 65 13.42 3.61 10.15
C HIS A 65 12.97 5.00 10.59
N ILE A 66 11.96 5.54 9.91
CA ILE A 66 11.40 6.85 10.23
C ILE A 66 10.44 6.72 11.42
N LYS B 11 12.81 -4.11 -17.54
CA LYS B 11 11.43 -3.70 -17.16
C LYS B 11 11.16 -2.27 -17.64
N THR B 12 10.06 -2.08 -18.36
CA THR B 12 9.73 -0.78 -18.93
C THR B 12 9.10 0.15 -17.90
N LYS B 13 9.05 1.44 -18.23
CA LYS B 13 8.38 2.43 -17.39
C LYS B 13 6.87 2.17 -17.37
N GLU B 14 6.34 1.65 -18.48
CA GLU B 14 4.92 1.33 -18.59
C GLU B 14 4.55 0.25 -17.58
N GLN B 15 5.32 -0.84 -17.57
CA GLN B 15 5.09 -1.96 -16.64
C GLN B 15 5.19 -1.53 -15.18
N ILE B 16 6.26 -0.80 -14.85
CA ILE B 16 6.44 -0.28 -13.49
C ILE B 16 5.28 0.64 -13.08
N ALA B 17 4.71 1.36 -14.04
CA ALA B 17 3.55 2.22 -13.74
C ALA B 17 2.34 1.41 -13.25
N HIS B 18 2.07 0.30 -13.91
CA HIS B 18 0.96 -0.56 -13.52
C HIS B 18 1.17 -1.19 -12.15
N LEU B 19 2.41 -1.59 -11.88
CA LEU B 19 2.74 -2.22 -10.60
C LEU B 19 2.62 -1.21 -9.46
N LYS B 20 3.07 0.02 -9.73
CA LYS B 20 3.04 1.10 -8.75
C LYS B 20 1.60 1.53 -8.46
N ALA B 21 0.81 1.71 -9.52
CA ALA B 21 -0.60 2.07 -9.38
C ALA B 21 -1.35 1.05 -8.51
N SER B 22 -1.08 -0.23 -8.73
CA SER B 22 -1.68 -1.32 -7.96
C SER B 22 -1.24 -1.30 -6.49
N PHE B 23 0.08 -1.27 -6.30
CA PHE B 23 0.72 -1.26 -4.97
C PHE B 23 0.22 -0.11 -4.09
N LEU B 24 0.08 1.08 -4.68
CA LEU B 24 -0.32 2.28 -3.96
C LEU B 24 -1.83 2.46 -3.72
N GLN B 25 -2.67 1.62 -4.35
CA GLN B 25 -4.13 1.73 -4.23
C GLN B 25 -4.63 2.11 -2.83
N SER B 26 -4.38 1.22 -1.86
CA SER B 26 -5.01 1.32 -0.55
C SER B 26 -4.34 2.35 0.39
N GLN B 27 -3.39 3.11 -0.14
CA GLN B 27 -2.78 4.22 0.59
C GLN B 27 -3.57 5.50 0.36
N PHE B 28 -4.55 5.44 -0.54
CA PHE B 28 -5.45 6.56 -0.77
C PHE B 28 -6.88 6.08 -0.54
N PRO B 29 -7.22 5.74 0.72
CA PRO B 29 -8.56 5.24 1.00
C PRO B 29 -9.64 6.21 0.54
N ASP B 30 -10.65 5.69 -0.16
CA ASP B 30 -11.84 6.48 -0.51
C ASP B 30 -12.67 6.65 0.74
N ASP B 31 -13.60 7.58 0.74
CA ASP B 31 -14.26 7.94 2.00
C ASP B 31 -15.25 6.88 2.53
N ALA B 32 -15.51 5.83 1.76
CA ALA B 32 -16.15 4.63 2.32
C ALA B 32 -15.15 3.90 3.21
N GLU B 33 -13.90 3.84 2.76
CA GLU B 33 -12.83 3.18 3.53
C GLU B 33 -12.55 3.92 4.82
N VAL B 34 -12.50 5.26 4.72
CA VAL B 34 -12.22 6.10 5.88
C VAL B 34 -13.39 6.03 6.88
N TYR B 35 -14.62 5.99 6.36
CA TYR B 35 -15.80 5.74 7.18
C TYR B 35 -15.65 4.45 7.98
N ARG B 36 -15.23 3.38 7.30
CA ARG B 36 -14.98 2.09 7.95
C ARG B 36 -13.91 2.20 9.04
N LEU B 37 -12.89 3.02 8.80
CA LEU B 37 -11.82 3.23 9.77
C LEU B 37 -12.29 4.02 11.00
N ILE B 38 -13.10 5.04 10.76
CA ILE B 38 -13.69 5.79 11.86
C ILE B 38 -14.45 4.84 12.77
N GLU B 39 -15.38 4.06 12.21
CA GLU B 39 -16.23 3.20 13.04
C GLU B 39 -15.50 2.01 13.65
N VAL B 40 -14.31 1.68 13.14
CA VAL B 40 -13.48 0.61 13.69
C VAL B 40 -12.34 1.13 14.61
N THR B 41 -11.95 2.40 14.47
CA THR B 41 -10.87 2.98 15.29
C THR B 41 -11.31 4.10 16.24
N GLY B 42 -12.37 4.82 15.88
CA GLY B 42 -12.84 5.94 16.67
C GLY B 42 -12.03 7.21 16.45
N LEU B 43 -11.10 7.19 15.50
CA LEU B 43 -10.26 8.34 15.18
C LEU B 43 -11.05 9.27 14.29
N ALA B 44 -10.70 10.56 14.33
CA ALA B 44 -11.32 11.55 13.45
C ALA B 44 -10.90 11.35 12.00
N ARG B 45 -11.74 11.81 11.08
CA ARG B 45 -11.43 11.81 9.65
C ARG B 45 -10.04 12.40 9.40
N SER B 46 -9.78 13.57 9.97
CA SER B 46 -8.51 14.27 9.77
C SER B 46 -7.33 13.54 10.40
N GLU B 47 -7.57 12.88 11.53
CA GLU B 47 -6.52 12.13 12.22
C GLU B 47 -6.07 10.93 11.38
N ILE B 48 -7.04 10.32 10.71
CA ILE B 48 -6.81 9.19 9.81
C ILE B 48 -6.05 9.62 8.56
N LYS B 49 -6.45 10.77 7.99
CA LYS B 49 -5.78 11.34 6.81
C LYS B 49 -4.31 11.70 7.08
N LYS B 50 -4.03 12.31 8.22
CA LYS B 50 -2.67 12.69 8.59
C LYS B 50 -1.79 11.45 8.76
N TRP B 51 -2.34 10.39 9.35
CA TRP B 51 -1.61 9.14 9.54
C TRP B 51 -1.22 8.54 8.19
N PHE B 52 -2.20 8.40 7.31
CA PHE B 52 -1.95 7.83 5.98
C PHE B 52 -0.88 8.63 5.24
N SER B 53 -1.12 9.93 5.07
CA SER B 53 -0.14 10.81 4.41
C SER B 53 1.28 10.63 4.96
N ASP B 54 1.39 10.60 6.28
CA ASP B 54 2.69 10.37 6.94
C ASP B 54 3.27 9.04 6.51
N HIS B 55 2.43 8.02 6.45
CA HIS B 55 2.91 6.67 6.12
C HIS B 55 3.12 6.47 4.63
N ARG B 56 2.46 7.28 3.81
CA ARG B 56 2.77 7.34 2.38
C ARG B 56 4.16 7.90 2.15
N TYR B 57 4.48 8.96 2.89
CA TYR B 57 5.79 9.60 2.80
C TYR B 57 6.90 8.65 3.23
N ARG B 58 6.73 8.01 4.38
CA ARG B 58 7.73 7.05 4.87
C ARG B 58 7.89 5.87 3.91
N CYS B 59 6.78 5.36 3.38
CA CYS B 59 6.80 4.25 2.44
C CYS B 59 7.64 4.60 1.22
N GLN B 60 7.29 5.71 0.57
CA GLN B 60 7.97 6.16 -0.65
C GLN B 60 9.46 6.46 -0.44
N ARG B 61 9.82 6.98 0.73
CA ARG B 61 11.22 7.22 1.04
C ARG B 61 11.97 5.89 1.16
N GLY B 62 11.33 4.91 1.78
CA GLY B 62 11.86 3.55 1.81
C GLY B 62 12.12 3.01 0.42
N ILE B 63 11.11 3.11 -0.44
CA ILE B 63 11.22 2.66 -1.82
C ILE B 63 12.29 3.44 -2.62
N VAL B 64 12.42 4.73 -2.34
CA VAL B 64 13.36 5.59 -3.06
C VAL B 64 14.81 5.37 -2.61
N HIS B 65 15.01 5.12 -1.32
CA HIS B 65 16.36 5.07 -0.74
C HIS B 65 16.93 3.66 -0.48
N ILE B 66 16.16 2.60 -0.72
CA ILE B 66 16.64 1.23 -0.44
C ILE B 66 16.80 0.35 -1.68
S SO4 C . 11.01 -0.77 -9.48
O1 SO4 C . 11.09 -1.00 -10.91
O2 SO4 C . 11.07 -2.06 -8.78
O3 SO4 C . 9.75 -0.09 -9.18
O4 SO4 C . 12.12 0.07 -9.05
#